data_4R14
#
_entry.id   4R14
#
_cell.length_a   66.552
_cell.length_b   66.552
_cell.length_c   86.829
_cell.angle_alpha   90.00
_cell.angle_beta   90.00
_cell.angle_gamma   120.00
#
_symmetry.space_group_name_H-M   'P 32'
#
loop_
_entity.id
_entity.type
_entity.pdbx_description
1 polymer 'COP9 signalosome complex subunit 6'
2 non-polymer 'MERCURY (II) ION'
#
_entity_poly.entity_id   1
_entity_poly.type   'polypeptide(L)'
_entity_poly.pdbx_seq_one_letter_code
;SVSVALHPLVILNISDHWIRMRSQEGRPVQVIGALIGKQEGRNIEVMNSFELLSHTVEEKIIIDKEYYYTKEEQFKQVFK
ELEFLGWYTTGGPPDPSDIHVHKQVCEIIESPLFLKLNPMTKHTDLPVSVFESVIDIINGEATMLFAELTYTLATEEAER
IGVDHVARMTATGLEHHHHHH
;
_entity_poly.pdbx_strand_id   A,B
#
loop_
_chem_comp.id
_chem_comp.type
_chem_comp.name
_chem_comp.formula
HG non-polymer 'MERCURY (II) ION' 'Hg 2'
#
# COMPACT_ATOMS: atom_id res chain seq x y z
N VAL A 2 -25.45 13.64 5.44
CA VAL A 2 -24.32 12.72 5.45
C VAL A 2 -24.43 11.58 6.50
N SER A 3 -23.98 10.38 6.13
CA SER A 3 -23.94 9.19 7.00
C SER A 3 -22.95 8.12 6.49
N VAL A 4 -22.09 7.56 7.34
CA VAL A 4 -20.89 6.86 6.82
C VAL A 4 -20.68 5.40 7.27
N ALA A 5 -20.30 4.55 6.32
CA ALA A 5 -19.91 3.16 6.56
C ALA A 5 -18.41 2.99 6.45
N LEU A 6 -17.86 1.94 7.04
CA LEU A 6 -16.42 1.81 7.10
C LEU A 6 -15.90 0.37 7.12
N HIS A 7 -15.35 -0.11 6.00
CA HIS A 7 -14.77 -1.45 5.99
C HIS A 7 -13.58 -1.55 6.92
N PRO A 8 -13.37 -2.74 7.52
CA PRO A 8 -12.25 -2.89 8.46
C PRO A 8 -10.91 -2.92 7.75
N LEU A 9 -10.94 -3.10 6.43
CA LEU A 9 -9.71 -3.10 5.63
C LEU A 9 -9.04 -1.72 5.65
N VAL A 10 -9.86 -0.66 5.70
CA VAL A 10 -9.34 0.70 5.79
C VAL A 10 -8.52 0.87 7.07
N ILE A 11 -9.11 0.48 8.19
CA ILE A 11 -8.46 0.63 9.47
C ILE A 11 -7.18 -0.21 9.55
N LEU A 12 -7.21 -1.42 8.98
CA LEU A 12 -5.99 -2.25 8.93
C LEU A 12 -4.93 -1.64 8.00
N ASN A 13 -5.36 -1.16 6.84
CA ASN A 13 -4.50 -0.53 5.85
C ASN A 13 -3.71 0.65 6.47
N ILE A 14 -4.39 1.43 7.30
CA ILE A 14 -3.79 2.62 7.87
C ILE A 14 -2.79 2.26 8.96
N SER A 15 -3.16 1.35 9.84
CA SER A 15 -2.24 0.83 10.85
C SER A 15 -0.96 0.31 10.21
N ASP A 16 -1.13 -0.43 9.13
CA ASP A 16 -0.01 -1.06 8.45
C ASP A 16 0.93 0.00 7.89
N HIS A 17 0.35 1.07 7.33
CA HIS A 17 1.09 2.19 6.77
C HIS A 17 1.97 2.88 7.84
N TRP A 18 1.34 3.16 8.98
CA TRP A 18 2.05 3.71 10.12
C TRP A 18 3.19 2.80 10.60
N ILE A 19 2.93 1.49 10.60
CA ILE A 19 3.90 0.51 11.10
C ILE A 19 5.06 0.36 10.14
N ARG A 20 4.78 0.43 8.86
CA ARG A 20 5.82 0.33 7.87
C ARG A 20 6.69 1.59 7.94
N MET A 21 6.09 2.68 8.38
CA MET A 21 6.84 3.93 8.35
C MET A 21 7.73 4.02 9.57
N ARG A 22 7.17 3.72 10.74
CA ARG A 22 7.92 3.73 12.00
C ARG A 22 9.18 2.90 11.87
N SER A 23 9.07 1.82 11.11
CA SER A 23 10.20 0.91 10.89
C SER A 23 11.27 1.50 10.01
N GLN A 24 10.85 2.38 9.12
CA GLN A 24 11.76 2.93 8.13
C GLN A 24 12.75 3.88 8.77
N GLU A 25 12.32 4.53 9.85
CA GLU A 25 13.16 5.51 10.52
C GLU A 25 13.59 5.05 11.92
N GLY A 26 12.80 4.17 12.52
CA GLY A 26 13.00 3.73 13.89
C GLY A 26 12.01 4.41 14.81
N ARG A 27 11.67 5.66 14.52
CA ARG A 27 10.72 6.39 15.34
C ARG A 27 9.42 6.55 14.59
N PRO A 28 8.29 6.55 15.32
CA PRO A 28 6.99 6.67 14.65
C PRO A 28 6.78 8.07 14.06
N VAL A 29 6.37 8.12 12.80
CA VAL A 29 6.05 9.38 12.16
C VAL A 29 4.60 9.40 11.66
N GLN A 30 4.06 10.59 11.46
CA GLN A 30 2.68 10.72 10.96
C GLN A 30 2.59 10.18 9.53
N VAL A 31 1.48 9.53 9.20
CA VAL A 31 1.28 9.03 7.84
C VAL A 31 0.05 9.69 7.27
N ILE A 32 -0.07 9.68 5.95
CA ILE A 32 -1.13 10.42 5.28
C ILE A 32 -1.63 9.60 4.08
N GLY A 33 -2.93 9.57 3.85
CA GLY A 33 -3.38 8.87 2.66
C GLY A 33 -4.82 9.13 2.27
N ALA A 34 -5.22 8.48 1.18
CA ALA A 34 -6.54 8.70 0.63
C ALA A 34 -7.57 7.66 1.12
N LEU A 35 -8.84 8.07 1.16
CA LEU A 35 -9.98 7.20 1.44
C LEU A 35 -10.75 7.04 0.16
N ILE A 36 -10.89 5.82 -0.34
CA ILE A 36 -11.72 5.63 -1.54
C ILE A 36 -12.89 4.67 -1.25
N GLY A 37 -13.79 4.54 -2.21
CA GLY A 37 -14.93 3.63 -2.08
C GLY A 37 -16.11 4.02 -2.93
N LYS A 38 -17.31 3.55 -2.55
CA LYS A 38 -18.55 3.83 -3.29
C LYS A 38 -19.43 4.78 -2.49
N GLN A 39 -20.30 5.51 -3.17
CA GLN A 39 -21.12 6.44 -2.40
C GLN A 39 -22.59 6.44 -2.87
N GLU A 40 -23.32 5.37 -2.55
CA GLU A 40 -24.73 5.26 -2.94
C GLU A 40 -25.71 5.75 -1.87
N GLY A 41 -26.85 6.24 -2.33
CA GLY A 41 -27.82 6.89 -1.47
C GLY A 41 -27.21 7.91 -0.53
N ARG A 42 -27.40 7.65 0.76
CA ARG A 42 -26.72 8.39 1.83
C ARG A 42 -25.70 7.47 2.48
N ASN A 43 -25.60 6.24 1.98
CA ASN A 43 -24.62 5.26 2.44
C ASN A 43 -23.22 5.53 1.88
N ILE A 44 -22.48 6.48 2.47
CA ILE A 44 -21.08 6.67 2.10
C ILE A 44 -20.26 5.48 2.57
N GLU A 45 -19.85 4.63 1.64
CA GLU A 45 -19.13 3.41 2.00
C GLU A 45 -17.61 3.52 1.72
N VAL A 46 -16.87 3.84 2.77
CA VAL A 46 -15.43 3.92 2.70
C VAL A 46 -14.85 2.51 2.60
N MET A 47 -14.58 2.06 1.38
CA MET A 47 -14.24 0.66 1.14
C MET A 47 -12.75 0.34 1.23
N ASN A 48 -11.90 1.35 1.07
CA ASN A 48 -10.47 1.07 0.98
C ASN A 48 -9.64 2.33 1.10
N SER A 49 -8.33 2.17 1.05
CA SER A 49 -7.43 3.30 1.20
C SER A 49 -6.10 3.04 0.52
N PHE A 50 -5.33 4.11 0.31
CA PHE A 50 -3.95 3.97 -0.15
C PHE A 50 -3.11 5.15 0.33
N GLU A 51 -1.80 5.08 0.13
CA GLU A 51 -0.88 6.10 0.60
C GLU A 51 -0.81 7.30 -0.27
N LEU A 52 -0.64 8.45 0.34
CA LEU A 52 -0.40 9.71 -0.35
C LEU A 52 0.99 10.31 -0.03
N LEU A 53 1.75 10.66 -1.05
CA LEU A 53 2.98 11.44 -0.84
C LEU A 53 2.73 12.87 -0.29
N SER A 54 3.69 13.38 0.45
CA SER A 54 3.64 14.74 0.98
C SER A 54 5.06 15.22 1.33
N HIS A 55 5.20 16.42 1.90
N HIS A 55 5.17 16.43 1.89
CA HIS A 55 6.49 16.88 2.45
CA HIS A 55 6.44 17.01 2.33
C HIS A 55 6.23 17.84 3.60
C HIS A 55 6.19 17.84 3.60
N THR A 56 7.01 17.71 4.66
CA THR A 56 6.78 18.49 5.88
C THR A 56 7.88 19.52 6.05
N VAL A 57 7.53 20.73 6.49
CA VAL A 57 8.53 21.78 6.59
C VAL A 57 8.58 22.40 7.98
N GLU A 58 7.66 23.31 8.24
CA GLU A 58 7.62 23.95 9.54
C GLU A 58 6.40 23.40 10.25
N GLU A 59 6.40 22.09 10.43
CA GLU A 59 5.26 21.35 10.98
C GLU A 59 4.00 21.53 10.11
N LYS A 60 4.20 21.99 8.88
CA LYS A 60 3.13 22.12 7.90
C LYS A 60 3.33 21.08 6.79
N ILE A 61 2.26 20.38 6.45
CA ILE A 61 2.36 19.30 5.49
C ILE A 61 1.77 19.66 4.14
N ILE A 62 2.51 19.36 3.07
CA ILE A 62 2.11 19.67 1.70
C ILE A 62 1.86 18.42 0.89
N ILE A 63 0.61 18.22 0.54
CA ILE A 63 0.25 17.08 -0.30
C ILE A 63 0.83 17.18 -1.74
N ASP A 64 1.53 16.14 -2.19
CA ASP A 64 1.96 16.08 -3.59
C ASP A 64 0.78 15.77 -4.55
N LYS A 65 0.23 16.86 -5.09
CA LYS A 65 -0.88 16.84 -6.03
C LYS A 65 -0.55 16.08 -7.30
N GLU A 66 0.63 16.33 -7.84
CA GLU A 66 1.04 15.60 -9.04
C GLU A 66 0.95 14.07 -8.80
N TYR A 67 1.49 13.58 -7.67
CA TYR A 67 1.45 12.15 -7.36
C TYR A 67 0.03 11.62 -7.32
N TYR A 68 -0.86 12.35 -6.65
CA TYR A 68 -2.25 11.95 -6.61
C TYR A 68 -2.91 11.85 -7.99
N TYR A 69 -2.77 12.90 -8.81
CA TYR A 69 -3.45 12.89 -10.09
C TYR A 69 -2.84 11.87 -11.03
N THR A 70 -1.54 11.60 -10.91
CA THR A 70 -0.94 10.58 -11.74
C THR A 70 -1.41 9.19 -11.33
N LYS A 71 -1.60 8.99 -10.04
CA LYS A 71 -2.08 7.72 -9.56
C LYS A 71 -3.50 7.54 -10.05
N GLU A 72 -4.32 8.56 -9.83
CA GLU A 72 -5.73 8.51 -10.27
C GLU A 72 -5.80 8.20 -11.75
N GLU A 73 -4.96 8.88 -12.53
CA GLU A 73 -4.82 8.60 -13.96
C GLU A 73 -4.45 7.13 -14.19
N GLN A 74 -3.35 6.71 -13.56
CA GLN A 74 -2.85 5.35 -13.74
C GLN A 74 -3.82 4.31 -13.25
N PHE A 75 -4.64 4.65 -12.25
CA PHE A 75 -5.54 3.66 -11.64
C PHE A 75 -7.01 3.77 -12.07
N LYS A 76 -7.32 4.72 -12.95
CA LYS A 76 -8.71 4.98 -13.32
C LYS A 76 -9.48 3.72 -13.79
N GLN A 77 -8.80 2.82 -14.48
CA GLN A 77 -9.44 1.59 -14.95
C GLN A 77 -9.81 0.62 -13.83
N VAL A 78 -8.98 0.50 -12.80
CA VAL A 78 -9.25 -0.46 -11.74
C VAL A 78 -10.05 0.20 -10.62
N PHE A 79 -9.99 1.53 -10.54
CA PHE A 79 -10.77 2.29 -9.57
C PHE A 79 -11.99 2.91 -10.23
N LYS A 80 -12.48 2.31 -11.31
CA LYS A 80 -13.58 2.91 -12.08
C LYS A 80 -14.90 2.92 -11.29
N GLU A 81 -15.17 1.84 -10.58
CA GLU A 81 -16.35 1.75 -9.74
C GLU A 81 -16.15 2.48 -8.42
N LEU A 82 -14.95 3.05 -8.21
CA LEU A 82 -14.68 3.73 -6.94
C LEU A 82 -14.45 5.23 -7.06
N GLU A 83 -14.50 5.90 -5.91
CA GLU A 83 -14.38 7.34 -5.87
C GLU A 83 -13.50 7.76 -4.70
N PHE A 84 -12.97 8.96 -4.79
CA PHE A 84 -12.17 9.53 -3.73
C PHE A 84 -13.11 10.08 -2.68
N LEU A 85 -13.06 9.55 -1.47
CA LEU A 85 -14.05 9.95 -0.45
C LEU A 85 -13.50 10.98 0.54
N GLY A 86 -12.18 10.99 0.75
CA GLY A 86 -11.58 11.87 1.73
C GLY A 86 -10.18 11.38 2.04
N TRP A 87 -9.59 11.84 3.14
CA TRP A 87 -8.24 11.42 3.49
C TRP A 87 -8.14 10.94 4.93
N TYR A 88 -7.04 10.28 5.27
CA TYR A 88 -6.76 9.86 6.66
C TYR A 88 -5.40 10.31 7.15
N THR A 89 -5.28 10.43 8.46
CA THR A 89 -3.93 10.52 9.03
C THR A 89 -3.88 9.85 10.42
N THR A 90 -2.68 9.64 10.95
CA THR A 90 -2.57 9.07 12.30
C THR A 90 -2.35 10.15 13.36
N GLY A 91 -2.71 9.85 14.62
CA GLY A 91 -2.41 10.70 15.76
C GLY A 91 -3.60 10.89 16.69
N GLY A 92 -3.54 11.93 17.54
CA GLY A 92 -4.60 12.23 18.50
C GLY A 92 -5.78 13.05 17.95
N PRO A 93 -6.45 13.82 18.84
CA PRO A 93 -7.56 14.70 18.42
C PRO A 93 -7.15 15.68 17.32
N PRO A 94 -8.11 16.11 16.49
CA PRO A 94 -7.81 16.97 15.33
C PRO A 94 -6.98 18.18 15.73
N ASP A 95 -5.96 18.50 14.92
CA ASP A 95 -5.08 19.63 15.21
C ASP A 95 -5.11 20.62 14.04
N PRO A 96 -4.66 21.87 14.27
CA PRO A 96 -4.55 22.90 13.22
C PRO A 96 -3.93 22.40 11.92
N SER A 97 -2.91 21.55 12.07
CA SER A 97 -2.21 20.94 10.93
C SER A 97 -3.14 20.10 10.04
N ASP A 98 -4.11 19.42 10.65
CA ASP A 98 -5.05 18.60 9.90
C ASP A 98 -5.96 19.52 9.08
N ILE A 99 -6.40 20.61 9.68
CA ILE A 99 -7.22 21.58 8.95
C ILE A 99 -6.46 22.11 7.73
N HIS A 100 -5.17 22.42 7.95
CA HIS A 100 -4.28 22.87 6.88
C HIS A 100 -4.20 21.83 5.78
N VAL A 101 -4.14 20.56 6.15
CA VAL A 101 -4.06 19.54 5.12
C VAL A 101 -5.43 19.34 4.51
N HIS A 102 -6.48 19.42 5.35
CA HIS A 102 -7.85 19.24 4.89
C HIS A 102 -8.25 20.21 3.78
N LYS A 103 -7.91 21.49 3.95
CA LYS A 103 -8.19 22.48 2.90
C LYS A 103 -7.57 22.11 1.55
N GLN A 104 -6.46 21.37 1.56
CA GLN A 104 -5.82 20.97 0.31
C GLN A 104 -6.55 19.79 -0.30
N VAL A 105 -7.06 18.89 0.55
CA VAL A 105 -7.89 17.80 0.06
C VAL A 105 -9.22 18.36 -0.42
N CYS A 106 -9.68 19.41 0.25
CA CYS A 106 -10.91 20.12 -0.11
C CYS A 106 -10.84 20.70 -1.53
N GLU A 107 -9.62 20.78 -2.07
CA GLU A 107 -9.40 21.26 -3.42
C GLU A 107 -9.46 20.12 -4.44
N ILE A 108 -9.54 18.89 -3.94
CA ILE A 108 -9.58 17.72 -4.82
C ILE A 108 -11.01 17.25 -5.01
N ILE A 109 -11.73 17.12 -3.88
CA ILE A 109 -13.17 16.89 -3.90
C ILE A 109 -13.82 17.87 -2.96
N GLU A 110 -15.11 18.13 -3.17
CA GLU A 110 -15.81 19.26 -2.57
C GLU A 110 -15.92 19.18 -1.05
N SER A 111 -16.46 18.08 -0.55
CA SER A 111 -16.62 17.94 0.91
C SER A 111 -16.03 16.64 1.42
N PRO A 112 -14.70 16.61 1.56
CA PRO A 112 -13.97 15.37 1.84
C PRO A 112 -14.11 14.89 3.29
N LEU A 113 -14.17 13.57 3.45
CA LEU A 113 -14.16 12.99 4.78
C LEU A 113 -12.72 12.95 5.35
N PHE A 114 -12.64 12.94 6.68
CA PHE A 114 -11.37 12.94 7.38
C PHE A 114 -11.33 11.80 8.40
N LEU A 115 -10.38 10.90 8.26
CA LEU A 115 -10.29 9.79 9.20
C LEU A 115 -9.00 9.83 10.01
N LYS A 116 -9.13 9.85 11.33
CA LYS A 116 -7.92 9.90 12.13
C LYS A 116 -7.87 8.65 12.99
N LEU A 117 -6.67 8.09 13.08
CA LEU A 117 -6.45 6.83 13.76
C LEU A 117 -5.29 7.03 14.72
N ASN A 118 -5.48 6.60 15.96
CA ASN A 118 -4.46 6.72 16.98
C ASN A 118 -3.76 5.39 17.26
N PRO A 119 -2.57 5.22 16.71
CA PRO A 119 -1.82 3.98 16.85
C PRO A 119 -1.03 3.93 18.18
N MET A 120 -1.26 4.86 19.10
CA MET A 120 -0.49 4.89 20.34
C MET A 120 -0.99 3.88 21.35
N THR A 121 -0.13 2.92 21.73
CA THR A 121 -0.53 1.91 22.73
C THR A 121 0.51 1.77 23.83
N LYS A 122 0.06 1.66 25.07
CA LYS A 122 0.97 1.42 26.18
C LYS A 122 1.00 -0.07 26.54
N HIS A 123 2.20 -0.58 26.81
CA HIS A 123 2.32 -1.98 27.14
C HIS A 123 1.62 -2.30 28.44
N THR A 124 1.57 -1.31 29.32
CA THR A 124 1.05 -1.53 30.67
C THR A 124 -0.45 -1.72 30.65
N ASP A 125 -1.05 -1.66 29.47
CA ASP A 125 -2.49 -1.76 29.35
C ASP A 125 -2.92 -3.16 28.96
N LEU A 126 -1.94 -4.00 28.63
CA LEU A 126 -2.18 -5.40 28.32
C LEU A 126 -2.75 -6.08 29.55
N PRO A 127 -3.71 -7.00 29.36
CA PRO A 127 -4.29 -7.68 30.51
C PRO A 127 -3.20 -8.42 31.29
N VAL A 128 -3.27 -8.37 32.62
CA VAL A 128 -2.34 -9.10 33.45
C VAL A 128 -3.08 -9.74 34.61
N SER A 129 -3.10 -11.06 34.65
CA SER A 129 -3.78 -11.77 35.72
C SER A 129 -2.75 -12.43 36.63
N VAL A 130 -2.98 -12.35 37.93
CA VAL A 130 -2.10 -12.96 38.91
C VAL A 130 -2.84 -14.12 39.59
N PHE A 131 -2.18 -15.26 39.73
CA PHE A 131 -2.82 -16.40 40.40
C PHE A 131 -1.93 -16.99 41.46
N GLU A 132 -2.55 -17.66 42.41
CA GLU A 132 -1.83 -18.45 43.38
C GLU A 132 -2.35 -19.86 43.23
N SER A 133 -1.55 -20.84 43.61
CA SER A 133 -1.96 -22.22 43.47
C SER A 133 -2.68 -22.72 44.72
N VAL A 134 -3.73 -23.51 44.51
CA VAL A 134 -4.53 -24.09 45.60
C VAL A 134 -4.87 -25.55 45.34
N ILE A 135 -4.65 -26.40 46.33
CA ILE A 135 -4.94 -27.82 46.19
C ILE A 135 -6.36 -28.16 46.68
N ASP A 136 -7.25 -28.43 45.73
CA ASP A 136 -8.66 -28.71 46.02
C ASP A 136 -8.89 -30.21 46.12
N ILE A 137 -9.65 -30.62 47.15
CA ILE A 137 -10.09 -32.01 47.30
C ILE A 137 -11.62 -32.08 47.51
N ILE A 138 -12.42 -32.00 46.44
CA ILE A 138 -13.87 -32.24 46.57
C ILE A 138 -14.04 -33.69 47.04
N ASN A 139 -15.06 -33.95 47.86
CA ASN A 139 -15.32 -35.30 48.36
C ASN A 139 -15.20 -36.29 47.21
N GLY A 140 -14.12 -37.08 47.26
CA GLY A 140 -13.68 -37.88 46.13
C GLY A 140 -12.46 -37.34 45.39
N GLU A 141 -12.66 -36.41 44.48
CA GLU A 141 -11.56 -35.95 43.61
C GLU A 141 -10.66 -34.80 44.17
N ALA A 142 -9.34 -34.97 44.02
CA ALA A 142 -8.36 -34.02 44.52
C ALA A 142 -7.39 -33.55 43.43
N THR A 143 -7.02 -32.27 43.45
CA THR A 143 -6.16 -31.65 42.41
C THR A 143 -5.53 -30.32 42.85
N MET A 144 -4.67 -29.78 41.98
CA MET A 144 -4.12 -28.42 42.11
C MET A 144 -4.79 -27.52 41.09
N LEU A 145 -5.27 -26.36 41.55
CA LEU A 145 -5.87 -25.39 40.64
C LEU A 145 -5.28 -24.00 40.81
N PHE A 146 -5.62 -23.11 39.87
CA PHE A 146 -5.21 -21.71 39.96
C PHE A 146 -6.37 -20.86 40.45
N ALA A 147 -6.12 -20.03 41.45
CA ALA A 147 -7.15 -19.16 42.04
C ALA A 147 -6.75 -17.69 41.90
N GLU A 148 -7.58 -16.90 41.23
CA GLU A 148 -7.17 -15.56 40.88
C GLU A 148 -7.04 -14.61 42.08
N LEU A 149 -6.05 -13.74 42.02
CA LEU A 149 -5.83 -12.77 43.08
C LEU A 149 -5.96 -11.37 42.54
N THR A 150 -6.42 -10.47 43.40
CA THR A 150 -6.47 -9.05 43.06
C THR A 150 -5.10 -8.43 43.39
N TYR A 151 -4.68 -7.45 42.59
CA TYR A 151 -3.36 -6.85 42.73
C TYR A 151 -3.38 -5.35 42.50
N THR A 152 -2.46 -4.62 43.16
CA THR A 152 -2.28 -3.17 42.95
C THR A 152 -1.06 -2.86 42.09
N LEU A 153 -0.87 -1.60 41.70
CA LEU A 153 0.13 -1.23 40.71
C LEU A 153 1.02 -0.06 41.16
N ALA A 154 1.82 -0.28 42.22
CA ALA A 154 2.78 0.71 42.71
C ALA A 154 2.13 2.06 43.02
N VAL B 2 2.13 -26.12 -13.18
CA VAL B 2 1.79 -24.75 -12.80
C VAL B 2 1.29 -23.88 -13.99
N SER B 3 0.31 -23.01 -13.74
CA SER B 3 -0.21 -22.07 -14.74
C SER B 3 -0.89 -20.82 -14.10
N VAL B 4 -0.55 -19.61 -14.58
CA VAL B 4 -0.80 -18.39 -13.77
C VAL B 4 -1.62 -17.27 -14.44
N ALA B 5 -2.55 -16.68 -13.69
CA ALA B 5 -3.31 -15.49 -14.09
C ALA B 5 -2.81 -14.27 -13.34
N LEU B 6 -3.05 -13.07 -13.87
CA LEU B 6 -2.47 -11.87 -13.28
C LEU B 6 -3.32 -10.61 -13.43
N HIS B 7 -3.96 -10.18 -12.34
CA HIS B 7 -4.74 -8.95 -12.38
C HIS B 7 -3.88 -7.74 -12.64
N PRO B 8 -4.43 -6.73 -13.34
CA PRO B 8 -3.61 -5.55 -13.65
C PRO B 8 -3.39 -4.70 -12.42
N LEU B 9 -4.16 -4.96 -11.36
CA LEU B 9 -4.01 -4.23 -10.12
C LEU B 9 -2.64 -4.53 -9.48
N VAL B 10 -2.17 -5.77 -9.63
CA VAL B 10 -0.86 -6.15 -9.15
C VAL B 10 0.22 -5.30 -9.81
N ILE B 11 0.17 -5.24 -11.14
CA ILE B 11 1.17 -4.51 -11.88
C ILE B 11 1.15 -3.02 -11.55
N LEU B 12 -0.04 -2.44 -11.37
CA LEU B 12 -0.17 -1.04 -10.98
C LEU B 12 0.35 -0.78 -9.56
N ASN B 13 -0.02 -1.70 -8.65
CA ASN B 13 0.40 -1.66 -7.26
C ASN B 13 1.94 -1.59 -7.13
N ILE B 14 2.62 -2.39 -7.96
CA ILE B 14 4.06 -2.51 -7.86
C ILE B 14 4.74 -1.27 -8.41
N SER B 15 4.24 -0.76 -9.55
CA SER B 15 4.72 0.51 -10.07
C SER B 15 4.61 1.61 -9.05
N ASP B 16 3.46 1.63 -8.38
CA ASP B 16 3.17 2.69 -7.43
C ASP B 16 4.13 2.65 -6.26
N HIS B 17 4.45 1.44 -5.79
CA HIS B 17 5.37 1.22 -4.67
C HIS B 17 6.76 1.77 -5.01
N TRP B 18 7.23 1.40 -6.19
CA TRP B 18 8.49 1.91 -6.71
C TRP B 18 8.52 3.44 -6.81
N ILE B 19 7.40 4.02 -7.24
CA ILE B 19 7.30 5.47 -7.45
C ILE B 19 7.25 6.22 -6.12
N ARG B 20 6.58 5.63 -5.15
CA ARG B 20 6.47 6.24 -3.84
C ARG B 20 7.85 6.18 -3.16
N MET B 21 8.64 5.18 -3.55
CA MET B 21 9.91 5.01 -2.89
C MET B 21 10.94 5.91 -3.52
N ARG B 22 11.01 5.94 -4.85
CA ARG B 22 11.95 6.83 -5.55
C ARG B 22 11.83 8.26 -5.07
N SER B 23 10.60 8.66 -4.73
CA SER B 23 10.29 9.99 -4.24
C SER B 23 10.83 10.23 -2.85
N GLN B 24 10.93 9.15 -2.09
CA GLN B 24 11.31 9.26 -0.71
C GLN B 24 12.75 9.65 -0.59
N GLU B 25 13.56 9.23 -1.56
CA GLU B 25 15.00 9.47 -1.53
C GLU B 25 15.49 10.44 -2.63
N GLY B 26 14.74 10.51 -3.71
CA GLY B 26 15.12 11.26 -4.90
C GLY B 26 15.59 10.28 -5.96
N ARG B 27 16.24 9.22 -5.51
CA ARG B 27 16.79 8.24 -6.44
C ARG B 27 15.99 6.97 -6.36
N PRO B 28 15.85 6.27 -7.50
CA PRO B 28 15.06 5.04 -7.50
C PRO B 28 15.76 3.91 -6.75
N VAL B 29 15.00 3.27 -5.87
CA VAL B 29 15.51 2.12 -5.15
C VAL B 29 14.65 0.89 -5.43
N GLN B 30 15.22 -0.28 -5.22
CA GLN B 30 14.51 -1.53 -5.43
C GLN B 30 13.39 -1.65 -4.39
N VAL B 31 12.24 -2.18 -4.79
CA VAL B 31 11.15 -2.37 -3.85
C VAL B 31 10.85 -3.86 -3.77
N ILE B 32 10.18 -4.26 -2.70
CA ILE B 32 9.96 -5.67 -2.43
C ILE B 32 8.57 -5.87 -1.81
N GLY B 33 7.84 -6.89 -2.23
CA GLY B 33 6.56 -7.14 -1.60
C GLY B 33 5.94 -8.47 -1.89
N ALA B 34 4.76 -8.68 -1.32
CA ALA B 34 4.08 -9.96 -1.42
C ALA B 34 3.06 -10.02 -2.57
N LEU B 35 2.82 -11.23 -3.08
CA LEU B 35 1.75 -11.51 -4.06
C LEU B 35 0.69 -12.33 -3.37
N ILE B 36 -0.53 -11.83 -3.32
CA ILE B 36 -1.62 -12.62 -2.74
C ILE B 36 -2.74 -12.88 -3.77
N GLY B 37 -3.68 -13.74 -3.40
CA GLY B 37 -4.83 -14.04 -4.25
C GLY B 37 -5.42 -15.40 -3.99
N LYS B 38 -6.14 -15.93 -4.99
CA LYS B 38 -6.77 -17.26 -4.89
C LYS B 38 -6.04 -18.26 -5.78
N GLN B 39 -6.13 -19.52 -5.44
CA GLN B 39 -5.42 -20.51 -6.24
C GLN B 39 -6.31 -21.73 -6.52
N GLU B 40 -7.28 -21.56 -7.41
CA GLU B 40 -8.23 -22.62 -7.73
C GLU B 40 -7.76 -23.47 -8.92
N GLY B 41 -8.17 -24.74 -8.94
CA GLY B 41 -7.62 -25.72 -9.86
C GLY B 41 -6.10 -25.63 -9.82
N ARG B 42 -5.50 -25.40 -10.98
CA ARG B 42 -4.10 -24.99 -11.03
C ARG B 42 -4.05 -23.57 -11.59
N ASN B 43 -5.23 -22.97 -11.76
CA ASN B 43 -5.35 -21.57 -12.17
C ASN B 43 -4.94 -20.66 -11.03
N ILE B 44 -3.64 -20.46 -10.87
CA ILE B 44 -3.09 -19.53 -9.90
C ILE B 44 -3.44 -18.11 -10.29
N GLU B 45 -4.37 -17.50 -9.54
CA GLU B 45 -4.82 -16.15 -9.87
C GLU B 45 -4.22 -15.12 -8.90
N VAL B 46 -3.15 -14.48 -9.35
CA VAL B 46 -2.49 -13.46 -8.58
C VAL B 46 -3.36 -12.22 -8.57
N MET B 47 -4.15 -12.07 -7.52
CA MET B 47 -5.18 -11.05 -7.48
C MET B 47 -4.76 -9.68 -6.93
N ASN B 48 -3.68 -9.65 -6.15
CA ASN B 48 -3.31 -8.42 -5.48
C ASN B 48 -1.91 -8.51 -4.88
N SER B 49 -1.49 -7.42 -4.25
CA SER B 49 -0.16 -7.37 -3.67
C SER B 49 -0.11 -6.35 -2.54
N PHE B 50 0.94 -6.41 -1.72
CA PHE B 50 1.21 -5.37 -0.72
C PHE B 50 2.71 -5.31 -0.43
N GLU B 51 3.15 -4.35 0.34
CA GLU B 51 4.56 -4.15 0.61
C GLU B 51 5.13 -5.00 1.70
N LEU B 52 6.37 -5.38 1.54
CA LEU B 52 7.12 -6.10 2.54
C LEU B 52 8.35 -5.31 3.06
N LEU B 53 8.49 -5.21 4.39
CA LEU B 53 9.73 -4.66 4.98
C LEU B 53 10.95 -5.57 4.76
N SER B 54 12.11 -4.95 4.72
CA SER B 54 13.38 -5.65 4.58
C SER B 54 14.54 -4.76 5.05
N HIS B 55 15.77 -5.23 4.91
N HIS B 55 15.77 -5.26 4.91
CA HIS B 55 16.94 -4.39 5.17
CA HIS B 55 16.97 -4.52 5.29
C HIS B 55 18.11 -4.88 4.32
C HIS B 55 18.12 -4.90 4.33
N THR B 56 18.86 -3.94 3.77
CA THR B 56 19.94 -4.27 2.85
C THR B 56 21.31 -3.98 3.45
N VAL B 57 22.28 -4.87 3.21
CA VAL B 57 23.58 -4.68 3.84
C VAL B 57 24.72 -4.68 2.82
N GLU B 58 25.14 -5.88 2.43
CA GLU B 58 26.22 -5.98 1.45
C GLU B 58 25.61 -6.45 0.15
N GLU B 59 24.68 -5.64 -0.36
CA GLU B 59 23.88 -5.97 -1.53
C GLU B 59 23.05 -7.25 -1.32
N LYS B 60 22.88 -7.63 -0.05
CA LYS B 60 22.05 -8.76 0.35
C LYS B 60 20.78 -8.25 1.07
N ILE B 61 19.63 -8.76 0.68
CA ILE B 61 18.37 -8.26 1.25
C ILE B 61 17.76 -9.25 2.24
N ILE B 62 17.34 -8.75 3.40
CA ILE B 62 16.77 -9.59 4.48
C ILE B 62 15.30 -9.28 4.71
N ILE B 63 14.46 -10.22 4.38
CA ILE B 63 13.04 -10.03 4.62
C ILE B 63 12.72 -9.99 6.13
N ASP B 64 12.02 -8.94 6.57
CA ASP B 64 11.52 -8.90 7.94
C ASP B 64 10.34 -9.88 8.13
N LYS B 65 10.69 -11.06 8.62
CA LYS B 65 9.74 -12.15 8.86
C LYS B 65 8.69 -11.76 9.91
N GLU B 66 9.16 -11.15 10.99
CA GLU B 66 8.22 -10.69 12.02
C GLU B 66 7.14 -9.77 11.39
N TYR B 67 7.53 -8.79 10.56
CA TYR B 67 6.55 -7.90 9.92
C TYR B 67 5.55 -8.68 9.07
N TYR B 68 6.04 -9.63 8.28
CA TYR B 68 5.14 -10.45 7.48
C TYR B 68 4.11 -11.24 8.31
N TYR B 69 4.57 -11.96 9.34
CA TYR B 69 3.66 -12.79 10.10
C TYR B 69 2.71 -11.95 10.93
N THR B 70 3.15 -10.77 11.38
CA THR B 70 2.23 -9.90 12.12
C THR B 70 1.15 -9.34 11.21
N LYS B 71 1.52 -9.03 9.96
CA LYS B 71 0.53 -8.51 9.03
C LYS B 71 -0.44 -9.63 8.73
N GLU B 72 0.09 -10.81 8.40
CA GLU B 72 -0.78 -11.97 8.10
C GLU B 72 -1.74 -12.20 9.25
N GLU B 73 -1.21 -12.16 10.47
CA GLU B 73 -2.03 -12.24 11.68
C GLU B 73 -3.09 -11.13 11.69
N GLN B 74 -2.65 -9.89 11.56
CA GLN B 74 -3.55 -8.75 11.61
C GLN B 74 -4.55 -8.76 10.49
N PHE B 75 -4.18 -9.34 9.34
CA PHE B 75 -5.06 -9.31 8.15
C PHE B 75 -5.82 -10.61 7.86
N LYS B 76 -5.62 -11.64 8.69
CA LYS B 76 -6.21 -12.96 8.43
C LYS B 76 -7.73 -12.91 8.16
N GLN B 77 -8.45 -12.00 8.83
CA GLN B 77 -9.90 -11.87 8.65
C GLN B 77 -10.29 -11.30 7.28
N VAL B 78 -9.51 -10.34 6.76
CA VAL B 78 -9.88 -9.71 5.50
C VAL B 78 -9.22 -10.44 4.31
N PHE B 79 -8.14 -11.15 4.59
CA PHE B 79 -7.42 -11.94 3.59
C PHE B 79 -7.77 -13.42 3.71
N LYS B 80 -8.96 -13.72 4.24
CA LYS B 80 -9.36 -15.12 4.51
C LYS B 80 -9.56 -15.93 3.22
N GLU B 81 -10.18 -15.33 2.22
CA GLU B 81 -10.38 -15.99 0.94
C GLU B 81 -9.10 -15.94 0.11
N LEU B 82 -8.06 -15.30 0.63
CA LEU B 82 -6.82 -15.15 -0.14
C LEU B 82 -5.65 -15.92 0.48
N GLU B 83 -4.61 -16.08 -0.31
CA GLU B 83 -3.45 -16.85 0.08
C GLU B 83 -2.19 -16.15 -0.36
N PHE B 84 -1.07 -16.50 0.25
CA PHE B 84 0.22 -15.95 -0.12
C PHE B 84 0.73 -16.71 -1.32
N LEU B 85 0.90 -16.03 -2.45
CA LEU B 85 1.24 -16.75 -3.68
C LEU B 85 2.74 -16.66 -4.05
N GLY B 86 3.42 -15.61 -3.60
CA GLY B 86 4.82 -15.41 -3.95
C GLY B 86 5.22 -13.98 -3.69
N TRP B 87 6.33 -13.54 -4.26
CA TRP B 87 6.80 -12.19 -4.02
C TRP B 87 7.15 -11.45 -5.31
N TYR B 88 7.28 -10.11 -5.21
CA TYR B 88 7.73 -9.28 -6.36
C TYR B 88 8.89 -8.39 -6.03
N THR B 89 9.66 -8.04 -7.05
CA THR B 89 10.57 -6.91 -6.89
C THR B 89 10.73 -6.17 -8.22
N THR B 90 11.34 -5.00 -8.18
CA THR B 90 11.60 -4.23 -9.40
C THR B 90 13.05 -4.43 -9.90
N GLY B 91 13.27 -4.21 -11.19
CA GLY B 91 14.60 -4.19 -11.77
C GLY B 91 14.64 -4.99 -13.07
N GLY B 92 15.85 -5.34 -13.53
CA GLY B 92 16.04 -6.10 -14.77
C GLY B 92 15.90 -7.62 -14.65
N PRO B 93 16.58 -8.38 -15.54
CA PRO B 93 16.57 -9.85 -15.50
C PRO B 93 16.97 -10.39 -14.13
N PRO B 94 16.48 -11.61 -13.79
CA PRO B 94 16.70 -12.22 -12.47
C PRO B 94 18.18 -12.20 -12.11
N ASP B 95 18.50 -11.85 -10.86
CA ASP B 95 19.89 -11.78 -10.42
C ASP B 95 20.10 -12.68 -9.17
N PRO B 96 21.36 -13.01 -8.84
CA PRO B 96 21.71 -13.77 -7.62
C PRO B 96 20.99 -13.29 -6.36
N SER B 97 20.86 -11.96 -6.23
CA SER B 97 20.18 -11.33 -5.09
C SER B 97 18.71 -11.76 -4.98
N ASP B 98 18.06 -11.96 -6.12
CA ASP B 98 16.68 -12.41 -6.13
C ASP B 98 16.59 -13.84 -5.63
N ILE B 99 17.53 -14.68 -6.06
CA ILE B 99 17.59 -16.06 -5.59
C ILE B 99 17.75 -16.10 -4.06
N HIS B 100 18.64 -15.24 -3.57
CA HIS B 100 18.86 -15.09 -2.13
C HIS B 100 17.59 -14.69 -1.41
N VAL B 101 16.81 -13.79 -2.01
CA VAL B 101 15.58 -13.39 -1.33
C VAL B 101 14.55 -14.48 -1.50
N HIS B 102 14.52 -15.11 -2.68
CA HIS B 102 13.56 -16.17 -2.98
C HIS B 102 13.63 -17.33 -1.99
N LYS B 103 14.84 -17.78 -1.64
CA LYS B 103 15.02 -18.82 -0.63
C LYS B 103 14.34 -18.48 0.70
N GLN B 104 14.24 -17.19 1.02
CA GLN B 104 13.60 -16.78 2.28
C GLN B 104 12.09 -16.81 2.14
N VAL B 105 11.60 -16.46 0.95
CA VAL B 105 10.16 -16.55 0.68
C VAL B 105 9.79 -18.03 0.58
N CYS B 106 10.73 -18.84 0.09
CA CYS B 106 10.57 -20.28 0.00
C CYS B 106 10.38 -20.89 1.40
N GLU B 107 10.73 -20.13 2.44
CA GLU B 107 10.57 -20.57 3.82
C GLU B 107 9.19 -20.21 4.34
N ILE B 108 8.44 -19.42 3.57
CA ILE B 108 7.12 -18.99 4.01
C ILE B 108 6.05 -19.87 3.37
N ILE B 109 6.17 -20.06 2.05
CA ILE B 109 5.34 -21.04 1.34
C ILE B 109 6.23 -21.91 0.47
N GLU B 110 5.72 -23.07 0.11
CA GLU B 110 6.52 -24.14 -0.47
C GLU B 110 7.13 -23.79 -1.83
N SER B 111 6.28 -23.43 -2.79
CA SER B 111 6.78 -23.12 -4.14
C SER B 111 6.32 -21.75 -4.61
N PRO B 112 6.99 -20.71 -4.10
CA PRO B 112 6.53 -19.33 -4.28
C PRO B 112 6.77 -18.80 -5.68
N LEU B 113 5.83 -18.03 -6.18
CA LEU B 113 6.00 -17.34 -7.44
C LEU B 113 6.87 -16.09 -7.29
N PHE B 114 7.51 -15.69 -8.37
CA PHE B 114 8.41 -14.56 -8.38
C PHE B 114 8.03 -13.59 -9.52
N LEU B 115 7.66 -12.37 -9.17
CA LEU B 115 7.29 -11.41 -10.22
C LEU B 115 8.27 -10.24 -10.26
N LYS B 116 8.87 -10.02 -11.42
CA LYS B 116 9.82 -8.93 -11.51
C LYS B 116 9.29 -7.92 -12.53
N LEU B 117 9.43 -6.66 -12.18
CA LEU B 117 8.88 -5.58 -12.96
C LEU B 117 9.97 -4.57 -13.19
N ASN B 118 10.14 -4.17 -14.45
CA ASN B 118 11.17 -3.21 -14.82
C ASN B 118 10.57 -1.82 -15.05
N PRO B 119 10.74 -0.95 -14.05
CA PRO B 119 10.19 0.39 -14.12
C PRO B 119 11.09 1.36 -14.90
N MET B 120 12.12 0.84 -15.59
CA MET B 120 13.06 1.74 -16.27
C MET B 120 12.52 2.20 -17.61
N THR B 121 12.33 3.52 -17.77
CA THR B 121 11.86 4.08 -19.05
C THR B 121 12.73 5.25 -19.52
N LYS B 122 13.03 5.27 -20.82
CA LYS B 122 13.79 6.37 -21.39
C LYS B 122 12.84 7.37 -22.03
N HIS B 123 13.10 8.65 -21.82
CA HIS B 123 12.25 9.67 -22.40
C HIS B 123 12.29 9.64 -23.90
N THR B 124 13.43 9.23 -24.42
CA THR B 124 13.65 9.31 -25.86
C THR B 124 12.82 8.28 -26.61
N ASP B 125 12.05 7.49 -25.87
CA ASP B 125 11.28 6.42 -26.49
C ASP B 125 9.83 6.83 -26.71
N LEU B 126 9.45 8.00 -26.18
CA LEU B 126 8.12 8.56 -26.39
C LEU B 126 7.92 8.87 -27.87
N PRO B 127 6.70 8.65 -28.36
CA PRO B 127 6.47 8.92 -29.79
C PRO B 127 6.76 10.38 -30.12
N VAL B 128 7.40 10.63 -31.26
CA VAL B 128 7.65 11.98 -31.71
C VAL B 128 7.40 12.08 -33.21
N SER B 129 6.40 12.86 -33.58
CA SER B 129 6.09 13.03 -34.99
C SER B 129 6.44 14.43 -35.45
N VAL B 130 7.02 14.51 -36.64
CA VAL B 130 7.40 15.79 -37.20
C VAL B 130 6.49 16.06 -38.41
N PHE B 131 5.96 17.27 -38.50
CA PHE B 131 5.08 17.60 -39.63
C PHE B 131 5.49 18.86 -40.34
N GLU B 132 5.05 18.95 -41.58
CA GLU B 132 5.21 20.14 -42.38
C GLU B 132 3.82 20.57 -42.74
N SER B 133 3.65 21.87 -42.95
CA SER B 133 2.35 22.38 -43.33
C SER B 133 2.25 22.47 -44.84
N VAL B 134 1.09 22.10 -45.38
CA VAL B 134 0.85 22.19 -46.82
C VAL B 134 -0.56 22.72 -47.06
N ILE B 135 -0.67 23.74 -47.90
CA ILE B 135 -1.98 24.29 -48.21
C ILE B 135 -2.56 23.64 -49.46
N ASP B 136 -3.57 22.81 -49.24
CA ASP B 136 -4.23 22.07 -50.30
C ASP B 136 -5.47 22.84 -50.81
N ILE B 137 -5.63 22.88 -52.12
CA ILE B 137 -6.83 23.42 -52.76
C ILE B 137 -7.39 22.36 -53.73
N ILE B 138 -8.09 21.36 -53.20
CA ILE B 138 -8.77 20.36 -54.04
C ILE B 138 -9.85 21.08 -54.84
N ASN B 139 -10.12 20.62 -56.07
CA ASN B 139 -11.14 21.22 -56.92
C ASN B 139 -12.41 21.50 -56.11
N GLY B 140 -12.67 22.78 -55.86
CA GLY B 140 -13.69 23.20 -54.92
C GLY B 140 -13.12 23.63 -53.57
N GLU B 141 -12.90 22.64 -52.70
CA GLU B 141 -12.51 22.91 -51.32
C GLU B 141 -10.99 23.09 -51.07
N ALA B 142 -10.64 24.12 -50.30
CA ALA B 142 -9.26 24.48 -49.99
C ALA B 142 -9.03 24.54 -48.48
N THR B 143 -7.85 24.12 -48.02
CA THR B 143 -7.52 24.07 -46.60
C THR B 143 -6.00 24.01 -46.38
N MET B 144 -5.60 24.11 -45.11
CA MET B 144 -4.22 23.83 -44.68
C MET B 144 -4.24 22.51 -43.91
N LEU B 145 -3.32 21.60 -44.25
CA LEU B 145 -3.20 20.36 -43.49
C LEU B 145 -1.77 20.11 -43.04
N PHE B 146 -1.63 19.11 -42.18
CA PHE B 146 -0.31 18.68 -41.73
C PHE B 146 0.07 17.41 -42.48
N ALA B 147 1.30 17.39 -43.01
CA ALA B 147 1.81 16.25 -43.77
C ALA B 147 3.05 15.68 -43.10
N GLU B 148 3.00 14.42 -42.70
CA GLU B 148 4.06 13.87 -41.86
C GLU B 148 5.39 13.73 -42.58
N LEU B 149 6.48 13.96 -41.86
CA LEU B 149 7.80 13.80 -42.43
C LEU B 149 8.54 12.71 -41.70
N THR B 150 9.40 12.02 -42.45
CA THR B 150 10.28 11.05 -41.85
C THR B 150 11.49 11.83 -41.36
N TYR B 151 12.08 11.38 -40.25
CA TYR B 151 13.17 12.12 -39.63
C TYR B 151 14.22 11.18 -39.07
N THR B 152 15.47 11.63 -39.05
CA THR B 152 16.58 10.87 -38.46
C THR B 152 16.94 11.41 -37.08
N LEU B 153 17.80 10.71 -36.36
CA LEU B 153 18.05 11.02 -34.95
C LEU B 153 19.55 11.13 -34.64
N ALA B 154 20.21 12.11 -35.24
CA ALA B 154 21.62 12.42 -34.97
C ALA B 154 22.54 11.20 -35.11
HG HG C . -14.44 21.16 2.35
HG HG D . -11.64 23.75 -0.88
HG HG E . 3.80 7.24 3.11
HG HG F . -11.57 6.91 -8.64
HG HG G . 10.94 -22.94 -3.44
HG HG H . 12.73 -23.15 1.18
HG HG I . 8.74 -0.60 0.87
HG HG J . -3.74 -15.02 3.55
#